data_1NFZ
#
_entry.id   1NFZ
#
_cell.length_a   69.100
_cell.length_b   72.110
_cell.length_c   91.520
_cell.angle_alpha   90.00
_cell.angle_beta   90.00
_cell.angle_gamma   90.00
#
_symmetry.space_group_name_H-M   'P 21 21 21'
#
loop_
_entity.id
_entity.type
_entity.pdbx_description
1 polymer 'ISOPENTENYL-DIPHOSPHATE DELTA-ISOMERASE'
2 non-polymer 'MANGANESE (II) ION'
3 non-polymer 'MAGNESIUM ION'
4 non-polymer '4-HYDROXY-3-METHYL BUTYL DIPHOSPHATE'
5 water water
#
_entity_poly.entity_id   1
_entity_poly.type   'polypeptide(L)'
_entity_poly.pdbx_seq_one_letter_code
;MQTEHVILLNAQGVPTGTLEKYAAHTADTRLHLAFSSWLFNAKGQLLVTRRALSKKAWPGVWTNSVCGHPQLGESNEDAV
IRRCRYELGVEITPPESIYPDFRYRATDPSGIVENEVCPVFAARTTSALQINDDEVMDYQWCDLADVLHGIDATPWAFSP
WMVMQATNREARKRLSAFTQLKL
;
_entity_poly.pdbx_strand_id   A,B
#
loop_
_chem_comp.id
_chem_comp.type
_chem_comp.name
_chem_comp.formula
EIP non-polymer '4-HYDROXY-3-METHYL BUTYL DIPHOSPHATE' 'C5 H14 O8 P2'
MG non-polymer 'MAGNESIUM ION' 'Mg 2'
MN non-polymer 'MANGANESE (II) ION' 'Mn 2'
#
# COMPACT_ATOMS: atom_id res chain seq x y z
N GLU A 4 1.01 -26.55 10.64
CA GLU A 4 1.07 -25.27 11.34
C GLU A 4 -0.31 -24.84 11.81
N HIS A 5 -0.40 -24.26 13.01
CA HIS A 5 -1.70 -23.87 13.54
C HIS A 5 -1.66 -22.47 14.17
N VAL A 6 -2.83 -22.05 14.66
CA VAL A 6 -2.94 -20.91 15.57
C VAL A 6 -3.55 -21.42 16.88
N ILE A 7 -3.26 -20.69 17.94
CA ILE A 7 -3.75 -21.06 19.26
C ILE A 7 -4.93 -20.22 19.69
N LEU A 8 -6.07 -20.88 19.87
CA LEU A 8 -7.30 -20.19 20.27
C LEU A 8 -7.25 -19.81 21.74
N LEU A 9 -7.74 -18.63 22.10
CA LEU A 9 -7.65 -18.11 23.46
C LEU A 9 -9.00 -17.69 24.02
N ASN A 10 -9.22 -17.98 25.30
CA ASN A 10 -10.45 -17.50 25.95
C ASN A 10 -10.25 -16.07 26.47
N ALA A 11 -11.22 -15.60 27.23
CA ALA A 11 -11.23 -14.29 27.85
C ALA A 11 -10.13 -14.11 28.89
N GLN A 12 -9.74 -15.20 29.56
CA GLN A 12 -8.61 -15.11 30.49
C GLN A 12 -7.30 -15.37 29.76
N GLY A 13 -7.33 -15.40 28.43
CA GLY A 13 -6.14 -15.53 27.62
C GLY A 13 -5.46 -16.88 27.68
N VAL A 14 -6.21 -17.91 28.06
CA VAL A 14 -5.78 -19.28 28.16
C VAL A 14 -6.03 -20.07 26.89
N PRO A 15 -5.05 -20.81 26.39
CA PRO A 15 -5.26 -21.67 25.22
C PRO A 15 -6.39 -22.66 25.49
N THR A 16 -7.29 -22.77 24.53
CA THR A 16 -8.40 -23.72 24.60
C THR A 16 -8.31 -24.75 23.49
N GLY A 17 -7.47 -24.48 22.48
CA GLY A 17 -7.38 -25.40 21.34
C GLY A 17 -6.65 -24.78 20.16
N THR A 18 -6.65 -25.46 19.01
CA THR A 18 -5.95 -24.99 17.82
C THR A 18 -6.83 -25.12 16.57
N LEU A 19 -6.49 -24.37 15.53
CA LEU A 19 -7.07 -24.42 14.20
C LEU A 19 -5.93 -24.40 13.18
N GLU A 20 -6.07 -25.07 12.04
CA GLU A 20 -5.02 -24.97 11.01
C GLU A 20 -4.87 -23.50 10.64
N LYS A 21 -3.64 -23.03 10.45
CA LYS A 21 -3.42 -21.60 10.27
C LYS A 21 -4.22 -21.01 9.13
N TYR A 22 -4.15 -21.57 7.92
CA TYR A 22 -4.88 -20.91 6.83
C TYR A 22 -6.39 -20.89 7.08
N ALA A 23 -6.91 -22.02 7.55
CA ALA A 23 -8.34 -22.16 7.79
C ALA A 23 -8.82 -21.27 8.93
N ALA A 24 -7.88 -20.76 9.74
CA ALA A 24 -8.24 -19.95 10.90
C ALA A 24 -8.61 -18.51 10.54
N HIS A 25 -8.09 -18.01 9.43
CA HIS A 25 -8.28 -16.59 9.10
C HIS A 25 -9.39 -16.44 8.07
N THR A 26 -10.55 -15.95 8.50
CA THR A 26 -11.75 -15.86 7.67
C THR A 26 -12.48 -14.55 7.90
N ALA A 27 -13.71 -14.40 7.41
CA ALA A 27 -14.43 -13.16 7.75
C ALA A 27 -14.90 -13.16 9.21
N ASP A 28 -14.78 -14.29 9.89
CA ASP A 28 -15.21 -14.50 11.25
C ASP A 28 -14.09 -15.00 12.16
N THR A 29 -12.88 -14.52 11.96
CA THR A 29 -11.69 -14.97 12.67
C THR A 29 -11.83 -14.91 14.18
N ARG A 30 -11.51 -16.01 14.87
CA ARG A 30 -11.69 -16.02 16.32
C ARG A 30 -10.41 -15.68 17.05
N LEU A 31 -10.50 -15.27 18.32
CA LEU A 31 -9.31 -14.78 19.00
C LEU A 31 -8.23 -15.86 19.13
N HIS A 32 -6.99 -15.48 18.80
CA HIS A 32 -5.86 -16.40 18.89
C HIS A 32 -4.57 -15.65 19.22
N LEU A 33 -3.52 -16.42 19.46
CA LEU A 33 -2.22 -15.88 19.81
C LEU A 33 -1.36 -15.53 18.60
N ALA A 34 -0.63 -14.42 18.66
CA ALA A 34 0.33 -14.08 17.63
C ALA A 34 1.54 -13.34 18.20
N PHE A 35 2.47 -12.92 17.35
CA PHE A 35 3.50 -11.98 17.75
C PHE A 35 3.70 -10.96 16.61
N SER A 36 4.31 -9.85 16.99
CA SER A 36 4.80 -8.91 15.98
C SER A 36 6.23 -8.49 16.29
N SER A 37 7.01 -8.16 15.27
CA SER A 37 8.44 -7.87 15.45
C SER A 37 8.92 -6.80 14.46
N TRP A 38 9.77 -5.93 14.99
CA TRP A 38 10.37 -4.81 14.30
C TRP A 38 11.88 -5.06 14.23
N LEU A 39 12.46 -5.16 13.04
CA LEU A 39 13.88 -5.46 12.89
C LEU A 39 14.66 -4.26 12.38
N PHE A 40 15.83 -4.04 12.98
CA PHE A 40 16.81 -3.02 12.66
C PHE A 40 18.16 -3.62 12.30
N ASN A 41 18.93 -3.02 11.39
CA ASN A 41 20.27 -3.59 11.14
C ASN A 41 21.27 -2.94 12.08
N ALA A 42 22.52 -3.34 11.96
CA ALA A 42 23.62 -2.82 12.76
C ALA A 42 23.68 -1.31 12.74
N LYS A 43 23.31 -0.72 11.60
CA LYS A 43 23.39 0.74 11.53
C LYS A 43 22.15 1.39 12.15
N GLY A 44 21.15 0.58 12.52
CA GLY A 44 19.98 1.13 13.15
C GLY A 44 18.88 1.48 12.17
N GLN A 45 19.01 1.10 10.89
CA GLN A 45 17.91 1.28 9.95
C GLN A 45 16.79 0.27 10.21
N LEU A 46 15.54 0.67 10.10
CA LEU A 46 14.39 -0.19 10.26
C LEU A 46 14.04 -0.92 8.97
N LEU A 47 13.70 -2.21 9.10
CA LEU A 47 13.27 -2.96 7.92
C LEU A 47 11.75 -2.95 7.82
N VAL A 48 11.23 -2.34 6.75
CA VAL A 48 9.80 -2.41 6.48
C VAL A 48 9.57 -3.38 5.33
N THR A 49 8.52 -4.20 5.41
CA THR A 49 8.32 -5.21 4.37
C THR A 49 6.92 -5.06 3.76
N ARG A 50 6.75 -5.60 2.57
CA ARG A 50 5.46 -5.63 1.86
C ARG A 50 5.03 -7.09 1.69
N ARG A 51 3.90 -7.42 2.30
CA ARG A 51 3.42 -8.78 2.28
C ARG A 51 3.11 -9.26 0.86
N ALA A 52 3.34 -10.54 0.61
CA ALA A 52 3.10 -11.13 -0.70
C ALA A 52 1.64 -11.03 -1.11
N LEU A 53 1.41 -11.03 -2.43
CA LEU A 53 0.02 -10.89 -2.89
C LEU A 53 -0.75 -12.18 -2.60
N SER A 54 -0.03 -13.25 -2.23
CA SER A 54 -0.70 -14.50 -1.92
C SER A 54 -1.09 -14.63 -0.46
N LYS A 55 -0.66 -13.72 0.41
CA LYS A 55 -1.04 -13.82 1.81
C LYS A 55 -2.56 -13.79 1.97
N LYS A 56 -3.14 -14.58 2.88
CA LYS A 56 -4.60 -14.55 3.01
C LYS A 56 -5.14 -13.27 3.66
N ALA A 57 -4.39 -12.66 4.57
CA ALA A 57 -4.81 -11.42 5.21
C ALA A 57 -3.82 -10.30 4.87
N TRP A 58 -4.37 -9.12 4.59
CA TRP A 58 -3.60 -7.97 4.12
C TRP A 58 -2.51 -8.28 3.10
N PRO A 59 -2.85 -8.97 2.01
CA PRO A 59 -1.86 -9.15 0.95
C PRO A 59 -1.47 -7.80 0.37
N GLY A 60 -0.22 -7.66 -0.07
CA GLY A 60 0.26 -6.48 -0.74
C GLY A 60 0.41 -5.25 0.12
N VAL A 61 0.42 -5.41 1.44
CA VAL A 61 0.36 -4.27 2.37
C VAL A 61 1.71 -4.05 3.03
N TRP A 62 2.11 -2.79 3.15
CA TRP A 62 3.36 -2.44 3.80
C TRP A 62 3.19 -2.55 5.32
N THR A 63 4.17 -3.10 6.02
CA THR A 63 3.96 -3.39 7.45
C THR A 63 5.30 -3.51 8.15
N ASN A 64 5.31 -3.71 9.46
CA ASN A 64 6.58 -3.85 10.19
C ASN A 64 7.26 -5.16 9.78
N SER A 65 8.46 -5.43 10.26
CA SER A 65 9.36 -6.42 9.69
C SER A 65 8.81 -7.84 9.57
N VAL A 66 8.36 -8.43 10.67
CA VAL A 66 7.91 -9.82 10.65
C VAL A 66 6.79 -10.03 11.65
N CYS A 67 5.76 -10.77 11.28
CA CYS A 67 4.55 -11.05 12.04
C CYS A 67 4.28 -12.55 12.01
N GLY A 68 3.80 -13.18 13.10
CA GLY A 68 3.42 -14.58 12.95
C GLY A 68 2.57 -15.11 14.09
N HIS A 69 2.55 -16.44 14.19
CA HIS A 69 1.70 -17.21 15.06
C HIS A 69 2.49 -18.25 15.86
N PRO A 70 2.69 -18.01 17.16
CA PRO A 70 3.43 -19.00 17.97
C PRO A 70 2.71 -20.34 17.97
N GLN A 71 3.46 -21.47 17.95
CA GLN A 71 2.78 -22.75 18.03
C GLN A 71 2.68 -23.21 19.49
N LEU A 72 1.89 -24.25 19.71
CA LEU A 72 1.74 -24.87 21.02
C LEU A 72 3.11 -25.13 21.66
N GLY A 73 3.34 -24.69 22.90
CA GLY A 73 4.58 -24.95 23.59
C GLY A 73 5.77 -24.16 23.06
N GLU A 74 5.55 -23.17 22.19
CA GLU A 74 6.64 -22.35 21.66
C GLU A 74 6.72 -21.01 22.37
N SER A 75 7.91 -20.56 22.77
CA SER A 75 8.11 -19.22 23.30
C SER A 75 7.91 -18.16 22.20
N ASN A 76 7.49 -16.97 22.61
CA ASN A 76 7.31 -15.83 21.74
C ASN A 76 8.65 -15.51 21.06
N GLU A 77 9.73 -15.57 21.83
CA GLU A 77 11.03 -15.27 21.20
C GLU A 77 11.39 -16.31 20.15
N ASP A 78 11.10 -17.59 20.41
CA ASP A 78 11.44 -18.61 19.43
C ASP A 78 10.57 -18.51 18.19
N ALA A 79 9.34 -18.06 18.35
CA ALA A 79 8.49 -17.86 17.17
C ALA A 79 9.03 -16.74 16.29
N VAL A 80 9.51 -15.67 16.90
CA VAL A 80 10.07 -14.55 16.13
C VAL A 80 11.23 -15.02 15.27
N ILE A 81 12.14 -15.74 15.95
CA ILE A 81 13.35 -16.26 15.34
C ILE A 81 13.01 -17.21 14.20
N ARG A 82 12.04 -18.08 14.46
CA ARG A 82 11.56 -19.00 13.44
C ARG A 82 11.00 -18.27 12.23
N ARG A 83 10.17 -17.24 12.47
CA ARG A 83 9.59 -16.56 11.30
C ARG A 83 10.61 -15.65 10.63
N CYS A 84 11.59 -15.16 11.38
CA CYS A 84 12.62 -14.33 10.71
C CYS A 84 13.41 -15.20 9.75
N ARG A 85 13.65 -16.45 10.16
CA ARG A 85 14.33 -17.38 9.27
C ARG A 85 13.43 -17.78 8.11
N TYR A 86 12.15 -18.07 8.42
CA TYR A 86 11.25 -18.55 7.37
C TYR A 86 10.89 -17.50 6.33
N GLU A 87 10.56 -16.29 6.77
CA GLU A 87 10.08 -15.28 5.83
C GLU A 87 11.24 -14.51 5.21
N LEU A 88 12.29 -14.26 5.98
CA LEU A 88 13.37 -13.39 5.56
C LEU A 88 14.74 -14.04 5.53
N GLY A 89 14.84 -15.33 5.84
CA GLY A 89 16.13 -16.04 5.81
C GLY A 89 17.18 -15.36 6.66
N VAL A 90 16.76 -14.66 7.72
CA VAL A 90 17.69 -13.83 8.49
C VAL A 90 17.82 -14.28 9.95
N GLU A 91 19.06 -14.20 10.44
CA GLU A 91 19.44 -14.41 11.83
C GLU A 91 19.31 -13.11 12.60
N ILE A 92 18.96 -13.20 13.89
CA ILE A 92 18.70 -11.99 14.68
C ILE A 92 19.27 -12.12 16.09
N THR A 93 19.36 -10.99 16.78
CA THR A 93 19.70 -10.95 18.20
C THR A 93 18.50 -11.42 19.03
N PRO A 94 18.68 -11.71 20.31
CA PRO A 94 17.54 -12.13 21.12
C PRO A 94 16.45 -11.07 21.19
N PRO A 95 15.25 -11.45 20.74
CA PRO A 95 14.13 -10.52 20.71
C PRO A 95 13.88 -9.86 22.07
N GLU A 96 13.56 -8.57 22.03
CA GLU A 96 13.37 -7.71 23.19
C GLU A 96 11.94 -7.21 23.24
N SER A 97 11.31 -7.14 24.41
CA SER A 97 9.91 -6.76 24.49
C SER A 97 9.72 -5.28 24.23
N ILE A 98 8.70 -4.94 23.43
CA ILE A 98 8.46 -3.53 23.13
C ILE A 98 7.07 -3.09 23.52
N TYR A 99 6.11 -4.00 23.49
CA TYR A 99 4.69 -3.67 23.69
C TYR A 99 3.99 -5.01 24.02
N PRO A 100 4.21 -5.44 25.24
CA PRO A 100 3.79 -6.77 25.66
C PRO A 100 2.28 -6.98 25.69
N ASP A 101 1.49 -5.93 25.90
CA ASP A 101 0.05 -6.17 26.04
C ASP A 101 -0.73 -5.80 24.79
N PHE A 102 -0.07 -5.74 23.64
CA PHE A 102 -0.83 -5.33 22.44
C PHE A 102 -1.84 -6.39 22.05
N ARG A 103 -3.03 -5.96 21.67
CA ARG A 103 -4.06 -6.87 21.17
C ARG A 103 -4.95 -6.13 20.18
N TYR A 104 -5.42 -6.80 19.12
CA TYR A 104 -6.27 -6.03 18.21
C TYR A 104 -7.19 -6.92 17.37
N ARG A 105 -8.17 -6.24 16.76
CA ARG A 105 -8.97 -6.85 15.71
C ARG A 105 -9.13 -5.86 14.57
N ALA A 106 -9.02 -6.33 13.34
CA ALA A 106 -9.21 -5.45 12.18
C ALA A 106 -9.65 -6.29 10.99
N THR A 107 -10.19 -5.64 9.99
CA THR A 107 -10.71 -6.25 8.77
C THR A 107 -9.97 -5.71 7.57
N ASP A 108 -9.56 -6.62 6.69
CA ASP A 108 -8.76 -6.29 5.49
C ASP A 108 -9.67 -5.97 4.31
N PRO A 109 -9.18 -5.45 3.20
CA PRO A 109 -10.10 -5.04 2.12
C PRO A 109 -10.97 -6.14 1.57
N SER A 110 -10.61 -7.42 1.67
CA SER A 110 -11.55 -8.41 1.13
C SER A 110 -12.43 -8.97 2.24
N GLY A 111 -12.30 -8.44 3.46
CA GLY A 111 -13.17 -8.88 4.54
C GLY A 111 -12.52 -9.89 5.47
N ILE A 112 -11.26 -10.20 5.24
CA ILE A 112 -10.56 -11.14 6.13
C ILE A 112 -10.16 -10.42 7.40
N VAL A 113 -10.41 -11.06 8.54
CA VAL A 113 -10.17 -10.49 9.86
C VAL A 113 -8.91 -11.02 10.51
N GLU A 114 -8.17 -10.15 11.20
CA GLU A 114 -7.23 -10.66 12.19
C GLU A 114 -7.77 -10.28 13.56
N ASN A 115 -7.66 -11.20 14.50
CA ASN A 115 -8.19 -11.00 15.85
C ASN A 115 -7.25 -11.65 16.84
N GLU A 116 -6.35 -10.85 17.39
CA GLU A 116 -5.20 -11.39 18.08
C GLU A 116 -4.86 -10.71 19.39
N VAL A 117 -4.30 -11.52 20.28
CA VAL A 117 -3.46 -11.11 21.38
C VAL A 117 -2.04 -11.12 20.81
N CYS A 118 -1.37 -9.99 20.72
CA CYS A 118 -0.16 -9.96 19.90
C CYS A 118 0.99 -9.18 20.50
N PRO A 119 1.74 -9.75 21.44
CA PRO A 119 2.87 -9.01 22.02
C PRO A 119 3.87 -8.67 20.92
N VAL A 120 4.51 -7.52 21.08
CA VAL A 120 5.42 -6.97 20.09
C VAL A 120 6.86 -6.94 20.58
N PHE A 121 7.78 -7.20 19.66
CA PHE A 121 9.19 -7.27 19.97
C PHE A 121 10.04 -6.46 19.00
N ALA A 122 11.29 -6.24 19.37
CA ALA A 122 12.30 -5.70 18.46
C ALA A 122 13.56 -6.55 18.54
N ALA A 123 14.34 -6.54 17.46
CA ALA A 123 15.62 -7.24 17.44
C ALA A 123 16.53 -6.61 16.37
N ARG A 124 17.81 -6.99 16.39
CA ARG A 124 18.73 -6.60 15.33
C ARG A 124 19.05 -7.81 14.47
N THR A 125 19.14 -7.62 13.15
CA THR A 125 19.57 -8.69 12.25
C THR A 125 21.08 -8.91 12.41
N THR A 126 21.55 -10.14 12.27
CA THR A 126 22.98 -10.40 12.34
C THR A 126 23.48 -11.06 11.08
N SER A 127 22.65 -11.12 10.05
CA SER A 127 23.05 -11.63 8.74
C SER A 127 22.27 -10.91 7.64
N ALA A 128 22.62 -11.22 6.40
CA ALA A 128 21.92 -10.63 5.25
C ALA A 128 20.55 -11.25 5.06
N LEU A 129 19.58 -10.48 4.58
CA LEU A 129 18.29 -11.08 4.21
C LEU A 129 18.47 -12.02 3.02
N GLN A 130 17.59 -13.00 3.01
CA GLN A 130 17.43 -14.00 1.96
C GLN A 130 15.92 -14.18 1.82
N ILE A 131 15.33 -13.49 0.86
CA ILE A 131 13.89 -13.28 0.85
C ILE A 131 13.11 -14.51 0.42
N ASN A 132 12.02 -14.79 1.17
CA ASN A 132 11.11 -15.85 0.74
C ASN A 132 9.94 -15.20 0.01
N ASP A 133 9.81 -15.37 -1.30
CA ASP A 133 8.85 -14.55 -2.04
C ASP A 133 7.42 -15.08 -1.84
N ASP A 134 7.25 -16.22 -1.18
CA ASP A 134 5.90 -16.63 -0.80
C ASP A 134 5.35 -15.76 0.33
N GLU A 135 6.21 -15.03 1.02
CA GLU A 135 5.79 -14.26 2.19
C GLU A 135 5.98 -12.77 1.96
N VAL A 136 7.07 -12.43 1.28
CA VAL A 136 7.49 -11.04 1.11
C VAL A 136 7.71 -10.70 -0.35
N MET A 137 7.01 -9.72 -0.89
CA MET A 137 7.09 -9.29 -2.28
C MET A 137 7.97 -8.05 -2.50
N ASP A 138 8.33 -7.34 -1.46
CA ASP A 138 9.10 -6.11 -1.50
C ASP A 138 9.51 -5.73 -0.08
N TYR A 139 10.51 -4.86 0.05
CA TYR A 139 10.95 -4.40 1.37
C TYR A 139 11.80 -3.15 1.20
N GLN A 140 11.96 -2.41 2.28
CA GLN A 140 12.76 -1.20 2.30
C GLN A 140 13.50 -1.03 3.62
N TRP A 141 14.81 -0.81 3.57
CA TRP A 141 15.56 -0.38 4.73
C TRP A 141 15.47 1.13 4.86
N CYS A 142 14.97 1.66 5.98
CA CYS A 142 14.82 3.10 6.08
C CYS A 142 15.09 3.61 7.49
N ASP A 143 14.95 4.91 7.67
CA ASP A 143 15.11 5.57 8.96
C ASP A 143 13.79 5.51 9.73
N LEU A 144 13.84 5.11 10.98
CA LEU A 144 12.63 4.98 11.80
C LEU A 144 11.88 6.30 11.85
N ALA A 145 12.63 7.39 11.92
CA ALA A 145 12.01 8.72 11.96
C ALA A 145 11.09 8.92 10.75
N ASP A 146 11.54 8.50 9.58
CA ASP A 146 10.72 8.76 8.39
C ASP A 146 9.49 7.86 8.38
N VAL A 147 9.63 6.63 8.85
CA VAL A 147 8.49 5.71 8.87
C VAL A 147 7.43 6.16 9.86
N LEU A 148 7.87 6.63 11.03
CA LEU A 148 6.90 7.22 11.96
C LEU A 148 6.17 8.42 11.35
N HIS A 149 6.92 9.28 10.64
CA HIS A 149 6.21 10.41 10.02
C HIS A 149 5.23 9.94 8.96
N GLY A 150 5.60 8.87 8.26
CA GLY A 150 4.67 8.33 7.26
C GLY A 150 3.45 7.74 7.96
N ILE A 151 3.69 7.00 9.05
CA ILE A 151 2.54 6.40 9.73
C ILE A 151 1.65 7.50 10.26
N ASP A 152 2.28 8.57 10.77
CA ASP A 152 1.54 9.68 11.34
C ASP A 152 0.75 10.45 10.28
N ALA A 153 1.33 10.63 9.08
CA ALA A 153 0.63 11.39 8.06
C ALA A 153 -0.36 10.55 7.26
N THR A 154 0.00 9.35 6.83
CA THR A 154 -0.86 8.55 5.97
C THR A 154 -0.97 7.14 6.52
N PRO A 155 -1.63 7.00 7.65
CA PRO A 155 -1.63 5.69 8.31
C PRO A 155 -2.24 4.62 7.42
N TRP A 156 -3.19 5.00 6.57
CA TRP A 156 -3.86 4.04 5.71
C TRP A 156 -2.93 3.39 4.70
N ALA A 157 -1.73 3.91 4.52
CA ALA A 157 -0.76 3.34 3.58
C ALA A 157 -0.04 2.14 4.20
N PHE A 158 -0.33 1.90 5.47
CA PHE A 158 0.35 0.84 6.21
C PHE A 158 -0.63 -0.13 6.84
N SER A 159 -0.20 -1.32 7.26
CA SER A 159 -1.15 -2.20 7.96
C SER A 159 -1.67 -1.56 9.24
N PRO A 160 -2.94 -1.82 9.57
CA PRO A 160 -3.50 -1.22 10.78
C PRO A 160 -2.76 -1.65 12.04
N TRP A 161 -2.21 -2.87 12.08
CA TRP A 161 -1.51 -3.29 13.30
C TRP A 161 -0.18 -2.55 13.41
N MET A 162 0.51 -2.33 12.29
CA MET A 162 1.71 -1.51 12.31
C MET A 162 1.38 -0.12 12.87
N VAL A 163 0.28 0.47 12.39
CA VAL A 163 -0.10 1.81 12.86
C VAL A 163 -0.30 1.83 14.37
N MET A 164 -1.10 0.89 14.88
CA MET A 164 -1.40 0.88 16.31
C MET A 164 -0.16 0.66 17.16
N GLN A 165 0.74 -0.21 16.74
CA GLN A 165 1.95 -0.41 17.51
C GLN A 165 2.80 0.85 17.58
N ALA A 166 2.89 1.55 16.46
CA ALA A 166 3.76 2.70 16.32
C ALA A 166 3.20 3.93 17.03
N THR A 167 1.88 3.91 17.22
CA THR A 167 1.22 5.05 17.82
C THR A 167 1.05 4.85 19.32
N ASN A 168 1.38 3.66 19.84
CA ASN A 168 1.42 3.52 21.28
C ASN A 168 2.61 4.29 21.84
N ARG A 169 2.37 5.14 22.82
CA ARG A 169 3.39 6.02 23.37
C ARG A 169 4.63 5.27 23.84
N GLU A 170 4.49 4.19 24.61
CA GLU A 170 5.70 3.54 25.10
C GLU A 170 6.36 2.71 24.00
N ALA A 171 5.57 2.03 23.20
CA ALA A 171 6.14 1.23 22.13
C ALA A 171 7.05 2.08 21.25
N ARG A 172 6.55 3.29 20.96
CA ARG A 172 7.30 4.18 20.08
C ARG A 172 8.59 4.63 20.75
N LYS A 173 8.56 4.83 22.07
CA LYS A 173 9.77 5.26 22.77
C LYS A 173 10.84 4.18 22.67
N ARG A 174 10.40 2.94 22.95
CA ARG A 174 11.34 1.83 22.92
C ARG A 174 11.83 1.54 21.50
N LEU A 175 10.96 1.70 20.51
CA LEU A 175 11.47 1.56 19.15
C LEU A 175 12.56 2.60 18.88
N SER A 176 12.24 3.83 19.30
CA SER A 176 13.16 4.94 19.09
C SER A 176 14.42 4.72 19.91
N ALA A 177 14.24 4.30 21.17
CA ALA A 177 15.45 4.07 21.97
C ALA A 177 16.27 2.96 21.36
N PHE A 178 15.60 1.95 20.77
CA PHE A 178 16.30 0.82 20.20
C PHE A 178 17.39 1.18 19.22
N THR A 179 17.35 2.28 18.47
CA THR A 179 18.52 2.52 17.62
C THR A 179 18.98 3.98 17.69
N GLU B 4 -10.41 -3.38 -25.05
CA GLU B 4 -9.75 -2.08 -24.92
C GLU B 4 -8.41 -2.12 -25.64
N HIS B 5 -7.90 -0.95 -25.98
CA HIS B 5 -6.56 -0.86 -26.56
C HIS B 5 -5.82 0.32 -25.94
N VAL B 6 -4.60 0.57 -26.40
CA VAL B 6 -3.88 1.79 -26.12
C VAL B 6 -3.48 2.44 -27.43
N ILE B 7 -3.23 3.73 -27.33
CA ILE B 7 -2.73 4.49 -28.47
C ILE B 7 -1.22 4.62 -28.38
N LEU B 8 -0.56 3.99 -29.34
CA LEU B 8 0.88 3.92 -29.48
C LEU B 8 1.44 5.26 -29.96
N LEU B 9 2.57 5.66 -29.42
CA LEU B 9 3.20 6.93 -29.75
C LEU B 9 4.67 6.73 -30.13
N ASN B 10 5.15 7.56 -31.06
CA ASN B 10 6.58 7.42 -31.40
C ASN B 10 7.37 8.32 -30.44
N ALA B 11 8.66 8.44 -30.68
CA ALA B 11 9.59 9.19 -29.85
C ALA B 11 9.16 10.64 -29.64
N GLN B 12 8.59 11.28 -30.68
CA GLN B 12 8.17 12.66 -30.44
C GLN B 12 6.73 12.68 -29.91
N GLY B 13 6.21 11.53 -29.48
CA GLY B 13 4.89 11.54 -28.85
C GLY B 13 3.75 11.70 -29.84
N VAL B 14 3.99 11.37 -31.11
CA VAL B 14 2.96 11.39 -32.14
C VAL B 14 2.37 10.00 -32.33
N PRO B 15 1.05 9.91 -32.39
CA PRO B 15 0.36 8.64 -32.53
C PRO B 15 0.72 7.93 -33.84
N THR B 16 0.83 6.60 -33.76
CA THR B 16 1.17 5.80 -34.93
C THR B 16 0.20 4.65 -35.12
N GLY B 17 -0.62 4.37 -34.11
CA GLY B 17 -1.59 3.27 -34.21
C GLY B 17 -2.10 2.84 -32.84
N THR B 18 -2.77 1.71 -32.75
CA THR B 18 -3.30 1.20 -31.50
C THR B 18 -2.88 -0.26 -31.25
N LEU B 19 -2.91 -0.69 -30.00
CA LEU B 19 -2.64 -2.06 -29.58
C LEU B 19 -3.61 -2.51 -28.48
N GLU B 20 -4.03 -3.77 -28.51
CA GLU B 20 -4.91 -4.29 -27.46
C GLU B 20 -4.28 -4.03 -26.09
N LYS B 21 -5.07 -3.62 -25.12
CA LYS B 21 -4.54 -3.14 -23.84
C LYS B 21 -3.76 -4.20 -23.06
N TYR B 22 -4.30 -5.40 -22.87
CA TYR B 22 -3.55 -6.39 -22.09
C TYR B 22 -2.20 -6.68 -22.74
N ALA B 23 -2.24 -6.93 -24.05
CA ALA B 23 -1.02 -7.27 -24.77
C ALA B 23 -0.04 -6.11 -24.77
N ALA B 24 -0.52 -4.89 -24.49
CA ALA B 24 0.38 -3.74 -24.59
C ALA B 24 1.24 -3.59 -23.34
N HIS B 25 0.74 -4.08 -22.20
CA HIS B 25 1.53 -3.94 -20.98
C HIS B 25 2.27 -5.24 -20.68
N THR B 26 3.57 -5.24 -20.94
CA THR B 26 4.44 -6.38 -20.76
C THR B 26 5.80 -5.96 -20.19
N ALA B 27 6.82 -6.82 -20.28
CA ALA B 27 8.13 -6.37 -19.77
C ALA B 27 8.78 -5.43 -20.78
N ASP B 28 8.14 -5.24 -21.93
CA ASP B 28 8.69 -4.54 -23.07
C ASP B 28 7.79 -3.41 -23.57
N THR B 29 7.04 -2.77 -22.69
CA THR B 29 5.95 -1.88 -23.11
C THR B 29 6.39 -0.76 -24.03
N ARG B 30 5.74 -0.61 -25.18
CA ARG B 30 6.08 0.50 -26.07
C ARG B 30 5.43 1.78 -25.59
N LEU B 31 5.95 2.94 -25.97
CA LEU B 31 5.32 4.19 -25.54
C LEU B 31 3.89 4.30 -26.04
N HIS B 32 2.99 4.72 -25.17
CA HIS B 32 1.58 4.90 -25.52
C HIS B 32 0.94 6.00 -24.69
N LEU B 33 -0.26 6.40 -25.08
CA LEU B 33 -0.94 7.51 -24.40
C LEU B 33 -1.72 7.04 -23.18
N ALA B 34 -1.78 7.88 -22.15
CA ALA B 34 -2.55 7.63 -20.94
C ALA B 34 -3.00 8.96 -20.33
N PHE B 35 -3.69 8.89 -19.21
CA PHE B 35 -4.04 10.07 -18.44
C PHE B 35 -3.93 9.75 -16.94
N SER B 36 -3.81 10.76 -16.13
CA SER B 36 -3.88 10.59 -14.68
C SER B 36 -4.73 11.70 -14.07
N SER B 37 -5.55 11.39 -13.07
CA SER B 37 -6.38 12.41 -12.47
C SER B 37 -6.47 12.33 -10.95
N TRP B 38 -6.48 13.51 -10.34
CA TRP B 38 -6.61 13.71 -8.91
C TRP B 38 -7.99 14.30 -8.60
N LEU B 39 -8.78 13.59 -7.81
CA LEU B 39 -10.14 13.99 -7.52
C LEU B 39 -10.31 14.46 -6.08
N PHE B 40 -11.07 15.55 -5.94
CA PHE B 40 -11.39 16.20 -4.68
C PHE B 40 -12.88 16.23 -4.43
N ASN B 41 -13.33 16.06 -3.18
CA ASN B 41 -14.77 16.21 -2.94
C ASN B 41 -15.08 17.68 -2.66
N ALA B 42 -16.35 18.00 -2.42
CA ALA B 42 -16.81 19.36 -2.18
C ALA B 42 -16.05 19.97 -1.02
N LYS B 43 -15.72 19.14 -0.03
CA LYS B 43 -14.97 19.65 1.11
C LYS B 43 -13.52 19.95 0.77
N GLY B 44 -13.04 19.49 -0.38
CA GLY B 44 -11.65 19.73 -0.74
C GLY B 44 -10.72 18.61 -0.33
N GLN B 45 -11.22 17.52 0.25
CA GLN B 45 -10.37 16.37 0.52
C GLN B 45 -9.99 15.64 -0.78
N LEU B 46 -8.80 15.06 -0.84
CA LEU B 46 -8.31 14.27 -1.95
C LEU B 46 -8.71 12.81 -1.81
N LEU B 47 -9.13 12.23 -2.94
CA LEU B 47 -9.44 10.80 -2.94
C LEU B 47 -8.20 10.00 -3.30
N VAL B 48 -7.70 9.22 -2.34
CA VAL B 48 -6.60 8.31 -2.68
C VAL B 48 -7.18 6.91 -2.87
N THR B 49 -6.66 6.08 -3.76
CA THR B 49 -7.23 4.75 -3.98
C THR B 49 -6.11 3.70 -3.93
N ARG B 50 -6.52 2.46 -3.73
CA ARG B 50 -5.71 1.27 -3.72
C ARG B 50 -6.08 0.38 -4.91
N ARG B 51 -5.16 0.21 -5.84
CA ARG B 51 -5.42 -0.63 -7.01
C ARG B 51 -5.77 -2.05 -6.60
N ALA B 52 -6.71 -2.65 -7.33
CA ALA B 52 -7.13 -4.01 -7.04
C ALA B 52 -6.00 -5.02 -7.22
N LEU B 53 -6.11 -6.14 -6.51
CA LEU B 53 -5.09 -7.17 -6.59
C LEU B 53 -5.07 -7.82 -7.97
N SER B 54 -6.15 -7.64 -8.71
CA SER B 54 -6.24 -8.24 -10.04
C SER B 54 -5.67 -7.36 -11.13
N LYS B 55 -5.26 -6.12 -10.79
CA LYS B 55 -4.69 -5.26 -11.81
C LYS B 55 -3.41 -5.87 -12.36
N LYS B 56 -3.13 -5.80 -13.65
CA LYS B 56 -1.89 -6.38 -14.18
C LYS B 56 -0.64 -5.62 -13.75
N ALA B 57 -0.74 -4.31 -13.53
CA ALA B 57 0.44 -3.53 -13.13
C ALA B 57 0.17 -2.86 -11.78
N TRP B 58 1.18 -2.85 -10.92
CA TRP B 58 1.04 -2.34 -9.56
C TRP B 58 -0.23 -2.79 -8.84
N PRO B 59 -0.57 -4.08 -8.80
CA PRO B 59 -1.71 -4.50 -8.01
C PRO B 59 -1.43 -4.28 -6.53
N GLY B 60 -2.46 -3.90 -5.79
CA GLY B 60 -2.43 -3.65 -4.37
C GLY B 60 -1.66 -2.42 -3.94
N VAL B 61 -1.43 -1.47 -4.84
CA VAL B 61 -0.65 -0.26 -4.53
C VAL B 61 -1.53 0.97 -4.34
N TRP B 62 -1.14 1.78 -3.36
CA TRP B 62 -1.84 3.04 -3.10
C TRP B 62 -1.43 4.09 -4.13
N THR B 63 -2.36 4.87 -4.63
CA THR B 63 -2.00 5.79 -5.72
C THR B 63 -3.01 6.93 -5.79
N ASN B 64 -2.89 7.84 -6.74
CA ASN B 64 -3.85 8.95 -6.81
C ASN B 64 -5.18 8.42 -7.33
N SER B 65 -6.16 9.27 -7.54
CA SER B 65 -7.57 8.91 -7.72
C SER B 65 -7.87 7.97 -8.87
N VAL B 66 -7.37 8.25 -10.07
CA VAL B 66 -7.71 7.45 -11.24
C VAL B 66 -6.65 7.66 -12.34
N CYS B 67 -6.33 6.56 -13.00
CA CYS B 67 -5.35 6.37 -14.04
C CYS B 67 -5.95 5.60 -15.20
N GLY B 68 -5.65 5.93 -16.46
CA GLY B 68 -6.25 5.13 -17.53
C GLY B 68 -5.69 5.40 -18.91
N HIS B 69 -6.36 4.85 -19.92
CA HIS B 69 -5.89 4.87 -21.29
C HIS B 69 -6.97 5.40 -22.23
N PRO B 70 -6.76 6.57 -22.83
CA PRO B 70 -7.73 7.06 -23.82
C PRO B 70 -7.89 6.05 -24.95
N GLN B 71 -9.12 5.84 -25.40
CA GLN B 71 -9.36 4.94 -26.53
C GLN B 71 -9.47 5.74 -27.84
N LEU B 72 -9.37 5.02 -28.96
CA LEU B 72 -9.47 5.65 -30.28
C LEU B 72 -10.72 6.51 -30.38
N GLY B 73 -10.57 7.72 -30.91
CA GLY B 73 -11.72 8.59 -31.09
C GLY B 73 -12.04 9.41 -29.86
N GLU B 74 -11.40 9.11 -28.74
CA GLU B 74 -11.73 9.72 -27.46
C GLU B 74 -10.79 10.83 -27.06
N SER B 75 -11.33 11.95 -26.57
CA SER B 75 -10.53 13.00 -25.97
C SER B 75 -9.94 12.51 -24.63
N ASN B 76 -8.82 13.08 -24.20
CA ASN B 76 -8.23 12.72 -22.93
C ASN B 76 -9.19 13.06 -21.79
N GLU B 77 -9.88 14.20 -21.93
CA GLU B 77 -10.77 14.61 -20.86
C GLU B 77 -12.00 13.70 -20.81
N ASP B 78 -12.43 13.22 -21.99
CA ASP B 78 -13.51 12.24 -22.02
C ASP B 78 -13.05 10.93 -21.41
N ALA B 79 -11.77 10.58 -21.56
CA ALA B 79 -11.34 9.31 -20.96
C ALA B 79 -11.36 9.44 -19.44
N VAL B 80 -10.99 10.64 -18.96
CA VAL B 80 -11.01 10.86 -17.51
C VAL B 80 -12.41 10.58 -16.96
N ILE B 81 -13.40 11.20 -17.58
CA ILE B 81 -14.79 11.05 -17.17
C ILE B 81 -15.23 9.59 -17.17
N ARG B 82 -14.88 8.88 -18.23
CA ARG B 82 -15.26 7.49 -18.41
C ARG B 82 -14.68 6.61 -17.30
N ARG B 83 -13.38 6.76 -17.06
CA ARG B 83 -12.74 5.91 -16.06
C ARG B 83 -13.21 6.31 -14.65
N CYS B 84 -13.53 7.60 -14.46
CA CYS B 84 -14.07 7.93 -13.14
C CYS B 84 -15.37 7.16 -12.93
N ARG B 85 -16.18 7.08 -13.99
CA ARG B 85 -17.42 6.33 -13.90
C ARG B 85 -17.15 4.84 -13.80
N TYR B 86 -16.24 4.32 -14.62
CA TYR B 86 -15.99 2.89 -14.58
C TYR B 86 -15.34 2.39 -13.29
N GLU B 87 -14.29 3.06 -12.83
CA GLU B 87 -13.58 2.65 -11.64
C GLU B 87 -14.27 3.06 -10.35
N LEU B 88 -14.86 4.24 -10.31
CA LEU B 88 -15.28 4.86 -9.06
C LEU B 88 -16.77 5.14 -8.96
N GLY B 89 -17.51 4.99 -10.06
CA GLY B 89 -18.94 5.23 -10.09
C GLY B 89 -19.29 6.72 -10.03
N VAL B 90 -18.30 7.59 -10.22
CA VAL B 90 -18.44 8.98 -9.80
C VAL B 90 -18.49 10.01 -10.90
N GLU B 91 -19.38 11.00 -10.75
CA GLU B 91 -19.51 12.16 -11.61
C GLU B 91 -18.53 13.26 -11.17
N ILE B 92 -18.00 14.02 -12.14
CA ILE B 92 -17.01 15.04 -11.84
C ILE B 92 -17.27 16.32 -12.62
N THR B 93 -16.65 17.39 -12.17
CA THR B 93 -16.59 18.68 -12.87
C THR B 93 -15.62 18.58 -14.05
N PRO B 94 -15.64 19.48 -15.03
CA PRO B 94 -14.70 19.37 -16.15
C PRO B 94 -13.25 19.29 -15.70
N PRO B 95 -12.54 18.25 -16.09
CA PRO B 95 -11.13 18.09 -15.68
C PRO B 95 -10.25 19.26 -16.11
N GLU B 96 -9.45 19.78 -15.19
CA GLU B 96 -8.48 20.83 -15.47
C GLU B 96 -7.11 20.23 -15.76
N SER B 97 -6.39 20.77 -16.74
CA SER B 97 -5.02 20.29 -16.98
C SER B 97 -4.07 20.86 -15.94
N ILE B 98 -3.29 19.98 -15.32
CA ILE B 98 -2.46 20.44 -14.20
C ILE B 98 -0.98 20.14 -14.43
N TYR B 99 -0.70 19.18 -15.31
CA TYR B 99 0.65 18.79 -15.66
C TYR B 99 0.61 18.17 -17.05
N PRO B 100 0.49 19.03 -18.07
CA PRO B 100 0.22 18.55 -19.43
C PRO B 100 1.36 17.76 -20.07
N ASP B 101 2.60 18.02 -19.67
CA ASP B 101 3.73 17.39 -20.35
C ASP B 101 4.34 16.25 -19.54
N PHE B 102 3.63 15.73 -18.54
CA PHE B 102 4.16 14.60 -17.79
C PHE B 102 4.30 13.36 -18.67
N ARG B 103 5.46 12.71 -18.50
CA ARG B 103 5.79 11.50 -19.25
C ARG B 103 6.69 10.62 -18.39
N TYR B 104 6.50 9.30 -18.37
CA TYR B 104 7.36 8.49 -17.50
C TYR B 104 7.43 7.03 -17.94
N ARG B 105 8.43 6.34 -17.40
CA ARG B 105 8.57 4.91 -17.61
C ARG B 105 8.95 4.26 -16.28
N ALA B 106 8.32 3.14 -15.93
CA ALA B 106 8.63 2.50 -14.67
C ALA B 106 8.29 1.02 -14.73
N THR B 107 9.06 0.21 -14.02
CA THR B 107 8.89 -1.23 -13.95
C THR B 107 8.20 -1.60 -12.64
N ASP B 108 7.19 -2.45 -12.67
CA ASP B 108 6.42 -2.74 -11.44
C ASP B 108 7.02 -3.88 -10.64
N PRO B 109 6.55 -4.21 -9.44
CA PRO B 109 7.24 -5.24 -8.64
C PRO B 109 7.39 -6.58 -9.33
N SER B 110 6.60 -6.90 -10.35
CA SER B 110 6.80 -8.20 -10.98
C SER B 110 7.33 -8.03 -12.39
N GLY B 111 7.74 -6.82 -12.75
CA GLY B 111 8.44 -6.61 -14.01
C GLY B 111 7.58 -6.10 -15.12
N ILE B 112 6.32 -5.80 -14.84
CA ILE B 112 5.47 -5.18 -15.85
C ILE B 112 5.88 -3.72 -16.00
N VAL B 113 6.10 -3.28 -17.23
CA VAL B 113 6.52 -1.90 -17.47
C VAL B 113 5.36 -0.99 -17.88
N GLU B 114 5.32 0.22 -17.34
CA GLU B 114 4.46 1.26 -17.90
C GLU B 114 5.36 2.32 -18.56
N ASN B 115 4.98 2.73 -19.76
CA ASN B 115 5.78 3.66 -20.54
C ASN B 115 4.87 4.65 -21.25
N GLU B 116 4.72 5.85 -20.68
CA GLU B 116 3.62 6.69 -21.08
C GLU B 116 3.95 8.18 -21.20
N VAL B 117 3.25 8.77 -22.17
CA VAL B 117 2.98 10.19 -22.21
C VAL B 117 1.66 10.35 -21.44
N CYS B 118 1.67 11.00 -20.29
CA CYS B 118 0.48 10.88 -19.43
C CYS B 118 0.09 12.22 -18.83
N PRO B 119 -0.70 13.01 -19.57
CA PRO B 119 -1.15 14.29 -19.05
C PRO B 119 -1.95 14.09 -17.77
N VAL B 120 -1.82 15.05 -16.87
CA VAL B 120 -2.42 14.96 -15.55
C VAL B 120 -3.47 16.04 -15.34
N PHE B 121 -4.54 15.67 -14.68
CA PHE B 121 -5.71 16.49 -14.47
C PHE B 121 -6.15 16.47 -13.00
N ALA B 122 -7.00 17.43 -12.66
CA ALA B 122 -7.72 17.45 -11.39
C ALA B 122 -9.17 17.84 -11.62
N ALA B 123 -10.05 17.38 -10.73
CA ALA B 123 -11.48 17.66 -10.85
C ALA B 123 -12.18 17.44 -9.52
N ARG B 124 -13.39 17.97 -9.38
CA ARG B 124 -14.20 17.75 -8.20
C ARG B 124 -15.22 16.64 -8.43
N THR B 125 -15.51 15.83 -7.42
CA THR B 125 -16.61 14.87 -7.55
C THR B 125 -17.94 15.58 -7.29
N THR B 126 -18.96 15.21 -8.04
CA THR B 126 -20.30 15.79 -7.90
C THR B 126 -21.34 14.72 -7.61
N SER B 127 -20.90 13.50 -7.30
CA SER B 127 -21.79 12.44 -6.85
C SER B 127 -21.11 11.58 -5.77
N ALA B 128 -21.89 10.67 -5.20
CA ALA B 128 -21.40 9.67 -4.27
C ALA B 128 -20.48 8.68 -4.97
N LEU B 129 -19.58 8.03 -4.24
CA LEU B 129 -18.81 6.99 -4.91
C LEU B 129 -19.62 5.72 -5.12
N GLN B 130 -19.28 5.03 -6.20
CA GLN B 130 -19.71 3.64 -6.31
C GLN B 130 -18.53 2.82 -6.77
N ILE B 131 -17.70 2.39 -5.80
CA ILE B 131 -16.43 1.77 -6.15
C ILE B 131 -16.59 0.49 -6.94
N ASN B 132 -15.77 0.30 -7.96
CA ASN B 132 -15.82 -0.96 -8.72
C ASN B 132 -14.75 -1.88 -8.15
N ASP B 133 -15.18 -2.92 -7.44
CA ASP B 133 -14.22 -3.81 -6.81
C ASP B 133 -13.31 -4.51 -7.80
N ASP B 134 -13.73 -4.57 -9.08
CA ASP B 134 -12.81 -5.18 -10.05
C ASP B 134 -11.59 -4.30 -10.27
N GLU B 135 -11.67 -3.04 -9.87
CA GLU B 135 -10.58 -2.12 -10.20
C GLU B 135 -9.91 -1.53 -8.97
N VAL B 136 -10.68 -1.32 -7.91
CA VAL B 136 -10.18 -0.61 -6.73
C VAL B 136 -10.54 -1.41 -5.48
N MET B 137 -9.57 -1.75 -4.65
CA MET B 137 -9.82 -2.60 -3.49
C MET B 137 -9.99 -1.78 -2.20
N ASP B 138 -9.47 -0.56 -2.18
CA ASP B 138 -9.62 0.30 -1.00
C ASP B 138 -9.46 1.76 -1.40
N TYR B 139 -9.83 2.68 -0.53
CA TYR B 139 -9.76 4.11 -0.84
C TYR B 139 -9.83 4.91 0.46
N GLN B 140 -9.45 6.18 0.40
CA GLN B 140 -9.53 7.08 1.54
C GLN B 140 -9.75 8.52 1.13
N TRP B 141 -10.63 9.26 1.80
CA TRP B 141 -10.69 10.71 1.66
C TRP B 141 -9.69 11.34 2.63
N CYS B 142 -8.74 12.15 2.17
CA CYS B 142 -7.85 12.75 3.16
C CYS B 142 -7.44 14.17 2.76
N ASP B 143 -6.66 14.77 3.64
CA ASP B 143 -6.08 16.09 3.43
C ASP B 143 -4.81 15.99 2.57
N LEU B 144 -4.79 16.81 1.52
CA LEU B 144 -3.68 16.83 0.59
C LEU B 144 -2.34 16.99 1.31
N ALA B 145 -2.28 17.94 2.26
CA ALA B 145 -1.03 18.20 2.96
C ALA B 145 -0.51 16.95 3.63
N ASP B 146 -1.43 16.17 4.23
CA ASP B 146 -0.99 14.93 4.86
C ASP B 146 -0.46 13.97 3.80
N VAL B 147 -1.14 13.88 2.65
CA VAL B 147 -0.64 12.96 1.62
C VAL B 147 0.75 13.38 1.16
N LEU B 148 0.96 14.68 0.93
CA LEU B 148 2.29 15.14 0.52
C LEU B 148 3.36 14.87 1.56
N HIS B 149 3.02 15.02 2.84
CA HIS B 149 3.97 14.66 3.90
C HIS B 149 4.27 13.15 3.87
N GLY B 150 3.27 12.32 3.64
CA GLY B 150 3.52 10.87 3.61
C GLY B 150 4.42 10.56 2.43
N ILE B 151 4.12 11.24 1.31
CA ILE B 151 4.89 10.99 0.09
C ILE B 151 6.33 11.42 0.34
N ASP B 152 6.57 12.52 1.04
CA ASP B 152 7.93 12.92 1.38
C ASP B 152 8.63 11.93 2.31
N ALA B 153 7.91 11.40 3.28
CA ALA B 153 8.54 10.55 4.28
C ALA B 153 8.80 9.14 3.75
N THR B 154 7.84 8.55 3.04
CA THR B 154 7.98 7.16 2.63
C THR B 154 7.49 6.99 1.20
N PRO B 155 8.23 7.51 0.23
CA PRO B 155 7.74 7.50 -1.14
C PRO B 155 7.60 6.08 -1.68
N TRP B 156 8.37 5.15 -1.13
CA TRP B 156 8.34 3.77 -1.61
C TRP B 156 7.01 3.08 -1.30
N ALA B 157 6.14 3.73 -0.54
CA ALA B 157 4.88 3.08 -0.18
C ALA B 157 3.76 3.45 -1.15
N PHE B 158 4.08 4.27 -2.14
CA PHE B 158 3.06 4.71 -3.09
C PHE B 158 3.46 4.37 -4.51
N SER B 159 2.51 4.43 -5.45
CA SER B 159 2.95 4.22 -6.84
C SER B 159 3.90 5.33 -7.26
N PRO B 160 4.89 5.01 -8.08
CA PRO B 160 5.88 6.02 -8.45
C PRO B 160 5.27 7.14 -9.28
N TRP B 161 4.25 6.88 -10.09
CA TRP B 161 3.67 7.99 -10.86
C TRP B 161 2.96 8.99 -9.93
N MET B 162 2.34 8.47 -8.87
CA MET B 162 1.74 9.39 -7.89
C MET B 162 2.80 10.34 -7.34
N VAL B 163 3.91 9.74 -6.90
CA VAL B 163 4.97 10.54 -6.29
C VAL B 163 5.53 11.57 -7.27
N MET B 164 5.88 11.16 -8.49
CA MET B 164 6.41 12.11 -9.47
C MET B 164 5.46 13.26 -9.75
N GLN B 165 4.17 12.94 -9.86
CA GLN B 165 3.22 14.02 -10.19
C GLN B 165 3.14 15.00 -9.03
N ALA B 166 3.13 14.46 -7.82
CA ALA B 166 2.95 15.24 -6.60
C ALA B 166 4.16 16.11 -6.28
N THR B 167 5.28 15.73 -6.88
CA THR B 167 6.51 16.46 -6.62
C THR B 167 6.78 17.54 -7.65
N ASN B 168 5.98 17.62 -8.72
CA ASN B 168 6.11 18.72 -9.67
C ASN B 168 5.52 20.00 -9.07
N ARG B 169 6.29 21.07 -9.00
CA ARG B 169 5.90 22.31 -8.37
C ARG B 169 4.58 22.86 -8.87
N GLU B 170 4.39 22.96 -10.19
CA GLU B 170 3.16 23.62 -10.64
C GLU B 170 1.94 22.73 -10.49
N ALA B 171 2.12 21.44 -10.75
CA ALA B 171 1.04 20.50 -10.51
C ALA B 171 0.54 20.62 -9.07
N ARG B 172 1.51 20.66 -8.16
CA ARG B 172 1.20 20.66 -6.73
C ARG B 172 0.42 21.90 -6.33
N LYS B 173 0.70 23.02 -6.99
CA LYS B 173 -0.06 24.25 -6.73
C LYS B 173 -1.51 24.07 -7.12
N ARG B 174 -1.75 23.35 -8.23
CA ARG B 174 -3.15 23.15 -8.62
C ARG B 174 -3.90 22.22 -7.69
N LEU B 175 -3.20 21.19 -7.22
CA LEU B 175 -3.82 20.29 -6.26
C LEU B 175 -4.26 21.10 -5.04
N SER B 176 -3.39 22.03 -4.63
CA SER B 176 -3.67 22.87 -3.48
C SER B 176 -4.94 23.70 -3.68
N ALA B 177 -5.03 24.27 -4.89
CA ALA B 177 -6.21 25.05 -5.22
C ALA B 177 -7.47 24.22 -5.00
N PHE B 178 -7.39 22.93 -5.23
CA PHE B 178 -8.63 22.14 -5.18
C PHE B 178 -8.99 21.78 -3.76
N THR B 179 -8.13 22.15 -2.80
CA THR B 179 -8.46 21.81 -1.41
C THR B 179 -9.49 22.77 -0.81
N GLN B 180 -9.87 23.80 -1.54
CA GLN B 180 -10.85 24.77 -1.04
C GLN B 180 -12.20 24.13 -0.82
N LEU B 181 -12.88 24.46 0.28
CA LEU B 181 -14.24 23.94 0.41
C LEU B 181 -15.13 24.63 -0.62
N LYS B 182 -16.01 23.89 -1.26
CA LYS B 182 -16.95 24.45 -2.23
C LYS B 182 -18.40 24.11 -1.88
N LEU B 183 -19.33 25.00 -2.18
CA LEU B 183 -20.76 24.71 -2.08
C LEU B 183 -21.35 24.73 -3.50
MN MN C . -3.68 -14.38 12.98
MG MG D . 4.17 -13.46 8.89
O1 EIP E . 1.49 -16.07 8.05
O2 EIP E . 3.43 -15.32 9.06
O3 EIP E . 2.02 -16.87 10.22
P4 EIP E . 1.98 -15.70 9.23
O5 EIP E . 1.25 -14.57 9.95
O6 EIP E . -0.02 -12.86 8.81
O7 EIP E . 2.35 -12.68 8.93
P8 EIP E . 1.06 -13.11 9.59
O9 EIP E . 1.08 -12.28 10.86
C10 EIP E . 0.20 -12.64 11.92
C11 EIP E . 0.31 -11.67 13.10
C12 EIP E . 0.41 -10.22 12.52
C13 EIP E . -0.64 -10.14 11.39
C14 EIP E . -0.03 -9.22 13.61
O15 EIP E . -1.94 -10.10 12.01
MN MN F . -0.30 2.04 -20.03
MG MG G . -7.09 2.68 -14.03
O1 EIP H . -6.55 -0.21 -16.49
O2 EIP H . -7.35 1.85 -15.88
O3 EIP H . -6.86 1.43 -18.16
P4 EIP H . -6.40 1.10 -16.75
O5 EIP H . -4.98 1.60 -16.54
O6 EIP H . -3.36 0.94 -14.86
O7 EIP H . -5.30 2.11 -14.17
P8 EIP H . -4.25 1.88 -15.22
O9 EIP H . -3.65 3.28 -15.35
C10 EIP H . -2.73 3.42 -16.43
C11 EIP H . -2.14 4.83 -16.51
C12 EIP H . -1.51 5.20 -15.15
C13 EIP H . -1.10 3.92 -14.40
C14 EIP H . -0.23 6.04 -15.41
O15 EIP H . -0.24 3.09 -15.19
#